data_6M14
#
_entry.id   6M14
#
_cell.length_a   57.850
_cell.length_b   75.254
_cell.length_c   116.824
_cell.angle_alpha   90.000
_cell.angle_beta   90.000
_cell.angle_gamma   90.000
#
_symmetry.space_group_name_H-M   'P 21 21 21'
#
loop_
_entity.id
_entity.type
_entity.pdbx_description
1 polymer 'BRCA1-associated RING domain protein 1'
2 non-polymer 'SULFATE ION'
3 water water
#
_entity_poly.entity_id   1
_entity_poly.type   'polypeptide(L)'
_entity_poly.pdbx_seq_one_letter_code
;GPLVLIGSGLSSEQQKMLSELAVILKAKKYTEFDSTVTHVVVPGDAVQSTLKCMLGILNGCWILKFEWVKACLRRKVCEQ
EEKYEIPEGPRRSRLNREQLLPKLFDGCYFYLWGTFKHHPKDNLIKLLTAGGGQILSRKPKPDSDVTQTINTVAYHARPD
SDQRFCTQYIIYEDLCNYHPERVRQGKVWKAPSSWFIDCVMSFELLPLDS
;
_entity_poly.pdbx_strand_id   B,A
#
loop_
_chem_comp.id
_chem_comp.type
_chem_comp.name
_chem_comp.formula
SO4 non-polymer 'SULFATE ION' 'O4 S -2'
#
# COMPACT_ATOMS: atom_id res chain seq x y z
N PRO A 2 -4.89 28.33 12.33
CA PRO A 2 -3.44 28.14 12.49
C PRO A 2 -2.98 26.80 11.95
N LEU A 3 -2.36 26.79 10.78
CA LEU A 3 -2.00 25.56 10.11
C LEU A 3 -0.62 25.08 10.52
N VAL A 4 -0.48 23.75 10.63
CA VAL A 4 0.75 23.09 11.02
C VAL A 4 0.88 21.91 10.08
N LEU A 5 1.91 21.94 9.24
CA LEU A 5 2.14 20.94 8.21
C LEU A 5 3.21 19.96 8.68
N ILE A 6 3.10 18.71 8.21
CA ILE A 6 4.17 17.75 8.40
C ILE A 6 4.16 16.80 7.21
N GLY A 7 5.34 16.31 6.83
CA GLY A 7 5.48 15.37 5.74
C GLY A 7 5.73 13.97 6.28
N SER A 8 5.18 12.98 5.60
CA SER A 8 5.42 11.58 5.94
C SER A 8 5.80 10.86 4.67
N GLY A 9 7.02 10.31 4.65
CA GLY A 9 7.50 9.60 3.48
C GLY A 9 7.92 10.49 2.32
N LEU A 10 8.12 11.79 2.55
CA LEU A 10 8.46 12.70 1.46
C LEU A 10 9.96 12.70 1.19
N SER A 11 10.32 12.90 -0.08
CA SER A 11 11.70 13.09 -0.45
C SER A 11 12.22 14.44 0.07
N SER A 12 13.54 14.60 -0.03
CA SER A 12 14.18 15.84 0.38
C SER A 12 13.65 17.02 -0.42
N GLU A 13 13.55 16.87 -1.75
CA GLU A 13 13.00 17.95 -2.56
C GLU A 13 11.56 18.26 -2.15
N GLN A 14 10.76 17.22 -1.90
CA GLN A 14 9.36 17.41 -1.50
C GLN A 14 9.24 18.09 -0.15
N GLN A 15 10.13 17.75 0.81
CA GLN A 15 10.16 18.43 2.10
C GLN A 15 10.51 19.91 1.93
N LYS A 16 11.46 20.24 1.04
CA LYS A 16 11.79 21.63 0.78
C LYS A 16 10.58 22.39 0.24
N MET A 17 9.84 21.77 -0.69
CA MET A 17 8.64 22.41 -1.20
C MET A 17 7.61 22.59 -0.10
N LEU A 18 7.45 21.58 0.76
CA LEU A 18 6.53 21.74 1.88
C LEU A 18 6.97 22.88 2.80
N SER A 19 8.27 23.00 3.08
CA SER A 19 8.75 24.13 3.89
C SER A 19 8.42 25.46 3.23
N GLU A 20 8.65 25.55 1.91
CA GLU A 20 8.34 26.77 1.20
C GLU A 20 6.85 27.07 1.24
N LEU A 21 6.03 26.03 1.13
CA LEU A 21 4.59 26.25 1.17
C LEU A 21 4.17 26.76 2.53
N ALA A 22 4.76 26.23 3.61
CA ALA A 22 4.35 26.64 4.95
C ALA A 22 4.59 28.12 5.15
N VAL A 23 5.69 28.64 4.59
CA VAL A 23 5.97 30.07 4.69
C VAL A 23 4.88 30.88 4.01
N ILE A 24 4.56 30.52 2.77
CA ILE A 24 3.55 31.22 2.00
C ILE A 24 2.22 31.20 2.73
N LEU A 25 1.86 30.06 3.34
CA LEU A 25 0.59 29.94 4.03
C LEU A 25 0.61 30.51 5.44
N LYS A 26 1.74 31.05 5.88
CA LYS A 26 1.87 31.59 7.24
C LYS A 26 1.63 30.49 8.26
N ALA A 27 2.07 29.28 7.92
CA ALA A 27 1.89 28.11 8.75
C ALA A 27 3.24 27.66 9.31
N LYS A 28 3.18 26.75 10.26
CA LYS A 28 4.38 26.08 10.74
C LYS A 28 4.56 24.77 9.99
N LYS A 29 5.81 24.33 9.92
CA LYS A 29 6.15 23.02 9.36
C LYS A 29 6.96 22.27 10.39
N TYR A 30 6.42 21.16 10.87
CA TYR A 30 7.09 20.35 11.85
C TYR A 30 7.79 19.21 11.14
N THR A 31 8.70 18.57 11.85
CA THR A 31 9.22 17.28 11.42
C THR A 31 8.85 16.16 12.38
N GLU A 32 8.36 16.51 13.57
CA GLU A 32 7.88 15.55 14.53
C GLU A 32 6.40 15.79 14.76
N PHE A 33 5.63 14.72 14.80
CA PHE A 33 4.19 14.86 15.00
C PHE A 33 3.86 15.29 16.42
N ASP A 34 2.90 16.19 16.56
CA ASP A 34 2.15 16.31 17.79
C ASP A 34 0.74 16.78 17.46
N SER A 35 -0.09 16.89 18.50
CA SER A 35 -1.52 17.03 18.26
C SER A 35 -1.90 18.36 17.62
N THR A 36 -0.98 19.32 17.49
CA THR A 36 -1.31 20.57 16.81
C THR A 36 -1.15 20.48 15.30
N VAL A 37 -0.61 19.37 14.79
CA VAL A 37 -0.52 19.15 13.35
C VAL A 37 -1.92 19.15 12.76
N THR A 38 -2.10 19.86 11.64
CA THR A 38 -3.37 19.90 10.94
C THR A 38 -3.37 19.19 9.60
N HIS A 39 -2.21 19.10 8.96
CA HIS A 39 -2.09 18.59 7.59
C HIS A 39 -0.89 17.65 7.57
N VAL A 40 -1.10 16.40 7.18
CA VAL A 40 -0.03 15.44 6.91
C VAL A 40 0.02 15.22 5.40
N VAL A 41 1.18 15.38 4.79
CA VAL A 41 1.33 15.25 3.35
C VAL A 41 2.14 13.99 3.06
N VAL A 42 1.57 13.13 2.23
CA VAL A 42 2.21 11.89 1.81
C VAL A 42 2.61 12.03 0.35
N PRO A 43 3.54 11.20 -0.15
CA PRO A 43 4.03 11.43 -1.51
C PRO A 43 3.03 11.03 -2.58
N GLY A 44 2.13 10.09 -2.33
CA GLY A 44 1.24 9.65 -3.37
C GLY A 44 -0.18 9.34 -2.94
N ASP A 45 -0.82 8.33 -3.51
CA ASP A 45 -2.25 8.16 -3.32
C ASP A 45 -2.60 7.32 -2.12
N ALA A 46 -1.62 6.86 -1.37
CA ALA A 46 -1.89 5.92 -0.30
C ALA A 46 -1.42 6.49 1.01
N VAL A 47 -2.15 6.13 2.07
CA VAL A 47 -1.65 6.36 3.41
C VAL A 47 -0.40 5.52 3.60
N GLN A 48 0.61 6.14 4.16
CA GLN A 48 1.80 5.40 4.52
C GLN A 48 1.54 4.64 5.81
N SER A 49 2.10 3.43 5.91
CA SER A 49 2.01 2.63 7.12
C SER A 49 3.13 3.07 8.08
N THR A 50 2.98 4.30 8.60
CA THR A 50 3.96 4.89 9.51
C THR A 50 3.26 5.43 10.75
N LEU A 51 4.05 5.59 11.83
CA LEU A 51 3.53 6.20 13.04
C LEU A 51 2.99 7.62 12.78
N LYS A 52 3.72 8.43 12.00
CA LYS A 52 3.22 9.78 11.70
C LYS A 52 1.86 9.77 11.01
N CYS A 53 1.71 8.95 9.96
CA CYS A 53 0.44 8.90 9.28
C CYS A 53 -0.65 8.39 10.19
N MET A 54 -0.35 7.36 10.97
CA MET A 54 -1.38 6.79 11.83
C MET A 54 -1.77 7.77 12.93
N LEU A 55 -0.80 8.49 13.50
CA LEU A 55 -1.14 9.53 14.47
C LEU A 55 -1.95 10.62 13.78
N GLY A 56 -1.62 10.93 12.54
CA GLY A 56 -2.41 11.90 11.81
C GLY A 56 -3.85 11.46 11.64
N ILE A 57 -4.06 10.19 11.27
CA ILE A 57 -5.42 9.67 11.19
C ILE A 57 -6.13 9.76 12.53
N LEU A 58 -5.46 9.34 13.60
CA LEU A 58 -6.16 9.31 14.89
C LEU A 58 -6.49 10.72 15.40
N ASN A 59 -5.76 11.75 14.94
CA ASN A 59 -5.99 13.15 15.27
C ASN A 59 -7.00 13.82 14.34
N GLY A 60 -7.50 13.11 13.34
CA GLY A 60 -8.43 13.71 12.40
C GLY A 60 -7.80 14.73 11.48
N CYS A 61 -6.51 14.62 11.22
CA CYS A 61 -5.84 15.55 10.33
C CYS A 61 -6.29 15.36 8.89
N TRP A 62 -6.06 16.38 8.10
CA TRP A 62 -6.03 16.19 6.66
C TRP A 62 -4.84 15.30 6.33
N ILE A 63 -5.07 14.24 5.58
CA ILE A 63 -4.02 13.41 4.99
C ILE A 63 -4.12 13.62 3.49
N LEU A 64 -3.10 14.25 2.91
CA LEU A 64 -3.17 14.80 1.56
C LEU A 64 -2.03 14.31 0.69
N LYS A 65 -2.34 14.08 -0.57
CA LYS A 65 -1.36 13.78 -1.60
C LYS A 65 -0.44 14.99 -1.82
N PHE A 66 0.81 14.72 -2.16
CA PHE A 66 1.76 15.80 -2.39
C PHE A 66 1.35 16.72 -3.55
N GLU A 67 0.53 16.25 -4.47
CA GLU A 67 0.03 17.12 -5.53
C GLU A 67 -0.60 18.39 -4.96
N TRP A 68 -1.17 18.33 -3.74
CA TRP A 68 -1.70 19.52 -3.09
C TRP A 68 -0.63 20.59 -2.92
N VAL A 69 0.58 20.18 -2.53
CA VAL A 69 1.68 21.11 -2.36
C VAL A 69 2.06 21.72 -3.70
N LYS A 70 2.21 20.89 -4.72
CA LYS A 70 2.55 21.39 -6.04
C LYS A 70 1.52 22.38 -6.52
N ALA A 71 0.24 22.06 -6.35
CA ALA A 71 -0.82 22.94 -6.81
C ALA A 71 -0.84 24.24 -6.03
N CYS A 72 -0.61 24.18 -4.71
CA CYS A 72 -0.59 25.40 -3.91
C CYS A 72 0.54 26.33 -4.34
N LEU A 73 1.73 25.78 -4.56
CA LEU A 73 2.86 26.61 -4.97
C LEU A 73 2.69 27.15 -6.39
N ARG A 74 2.17 26.33 -7.30
CA ARG A 74 1.99 26.77 -8.69
C ARG A 74 0.93 27.86 -8.78
N ARG A 75 -0.15 27.73 -8.02
CA ARG A 75 -1.26 28.68 -8.06
C ARG A 75 -1.19 29.71 -6.95
N LYS A 76 -0.23 29.60 -6.04
CA LYS A 76 0.05 30.59 -4.99
C LYS A 76 -1.19 30.88 -4.15
N VAL A 77 -1.91 29.82 -3.78
CA VAL A 77 -3.04 29.87 -2.86
C VAL A 77 -3.10 28.56 -2.08
N CYS A 78 -3.91 28.52 -1.02
CA CYS A 78 -4.20 27.30 -0.31
C CYS A 78 -5.33 26.60 -1.05
N GLU A 79 -4.98 25.66 -1.92
CA GLU A 79 -5.99 24.88 -2.60
C GLU A 79 -6.85 24.12 -1.60
N GLN A 80 -8.11 23.92 -1.97
CA GLN A 80 -9.06 23.22 -1.12
C GLN A 80 -8.60 21.79 -0.88
N GLU A 81 -8.48 21.42 0.40
CA GLU A 81 -7.88 20.17 0.79
C GLU A 81 -8.66 18.97 0.28
N GLU A 82 -9.98 19.08 0.17
CA GLU A 82 -10.80 17.90 -0.10
C GLU A 82 -10.42 17.21 -1.39
N LYS A 83 -9.93 17.97 -2.38
CA LYS A 83 -9.63 17.37 -3.67
C LYS A 83 -8.38 16.49 -3.63
N TYR A 84 -7.58 16.60 -2.58
CA TYR A 84 -6.32 15.89 -2.50
C TYR A 84 -6.28 14.92 -1.34
N GLU A 85 -7.40 14.76 -0.65
CA GLU A 85 -7.47 13.95 0.55
C GLU A 85 -7.44 12.48 0.20
N ILE A 86 -6.69 11.71 0.96
CA ILE A 86 -6.73 10.26 0.80
C ILE A 86 -8.10 9.74 1.25
N PRO A 87 -8.81 8.97 0.44
CA PRO A 87 -10.15 8.52 0.83
C PRO A 87 -10.12 7.43 1.89
N GLU A 88 -11.32 7.08 2.35
CA GLU A 88 -11.54 6.04 3.35
C GLU A 88 -11.06 6.51 4.72
N GLY A 89 -10.16 5.77 5.36
CA GLY A 89 -9.81 6.02 6.75
C GLY A 89 -9.58 7.50 7.06
N PRO A 90 -8.67 8.15 6.35
CA PRO A 90 -8.39 9.57 6.67
C PRO A 90 -9.62 10.48 6.64
N ARG A 91 -10.43 10.38 5.60
CA ARG A 91 -11.62 11.21 5.50
C ARG A 91 -12.62 10.88 6.59
N ARG A 92 -12.86 9.58 6.83
CA ARG A 92 -13.79 9.17 7.89
C ARG A 92 -13.35 9.74 9.23
N SER A 93 -12.05 9.72 9.51
CA SER A 93 -11.57 10.25 10.77
C SER A 93 -11.72 11.77 10.84
N ARG A 94 -11.38 12.46 9.75
CA ARG A 94 -11.50 13.91 9.76
C ARG A 94 -12.94 14.31 10.03
N LEU A 95 -13.88 13.68 9.33
CA LEU A 95 -15.28 14.00 9.53
C LEU A 95 -15.68 13.69 10.95
N ASN A 96 -15.18 12.58 11.51
CA ASN A 96 -15.45 12.24 12.91
C ASN A 96 -15.04 13.38 13.83
N ARG A 97 -13.84 13.93 13.63
CA ARG A 97 -13.36 15.01 14.49
C ARG A 97 -14.17 16.29 14.29
N GLU A 98 -14.53 16.59 13.05
CA GLU A 98 -15.31 17.79 12.79
C GLU A 98 -16.68 17.72 13.47
N GLN A 99 -17.27 16.54 13.57
CA GLN A 99 -18.54 16.39 14.26
C GLN A 99 -18.38 16.22 15.76
N LEU A 100 -17.15 16.39 16.28
CA LEU A 100 -16.90 16.34 17.72
C LEU A 100 -17.29 14.99 18.33
N LEU A 101 -17.06 13.93 17.60
CA LEU A 101 -17.41 12.61 18.09
C LEU A 101 -16.24 11.96 18.81
N PRO A 102 -16.50 10.90 19.58
CA PRO A 102 -15.41 10.26 20.32
C PRO A 102 -14.34 9.68 19.41
N LYS A 103 -13.13 9.58 19.95
CA LYS A 103 -12.02 8.99 19.23
C LYS A 103 -12.25 7.49 19.01
N LEU A 104 -11.49 6.92 18.09
CA LEU A 104 -11.76 5.58 17.57
C LEU A 104 -11.87 4.55 18.67
N PHE A 105 -10.94 4.57 19.63
CA PHE A 105 -10.92 3.55 20.66
C PHE A 105 -11.48 4.07 22.00
N ASP A 106 -12.31 5.11 21.96
CA ASP A 106 -12.98 5.54 23.18
C ASP A 106 -13.73 4.38 23.81
N GLY A 107 -13.59 4.25 25.12
CA GLY A 107 -14.23 3.20 25.88
C GLY A 107 -13.47 1.89 25.90
N CYS A 108 -12.41 1.76 25.11
CA CYS A 108 -11.66 0.51 25.04
C CYS A 108 -10.40 0.58 25.91
N TYR A 109 -10.01 -0.59 26.38
CA TYR A 109 -8.89 -0.82 27.27
C TYR A 109 -7.99 -1.87 26.65
N PHE A 110 -6.68 -1.69 26.80
CA PHE A 110 -5.69 -2.51 26.09
C PHE A 110 -4.58 -2.95 27.02
N TYR A 111 -4.25 -4.23 26.95
CA TYR A 111 -3.10 -4.80 27.63
C TYR A 111 -2.16 -5.33 26.54
N LEU A 112 -0.92 -4.82 26.53
CA LEU A 112 0.08 -5.23 25.53
C LEU A 112 0.85 -6.41 26.10
N TRP A 113 0.65 -7.57 25.51
CA TRP A 113 1.05 -8.84 26.13
C TRP A 113 2.31 -9.36 25.47
N GLY A 114 3.35 -9.53 26.28
CA GLY A 114 4.53 -10.21 25.82
C GLY A 114 5.43 -9.34 24.93
N THR A 115 6.12 -10.00 24.02
CA THR A 115 7.16 -9.41 23.18
C THR A 115 6.60 -8.83 21.91
N PHE A 116 7.14 -7.67 21.49
CA PHE A 116 6.79 -7.02 20.23
C PHE A 116 8.09 -6.72 19.49
N LYS A 117 8.29 -7.37 18.35
CA LYS A 117 9.50 -7.17 17.56
C LYS A 117 9.25 -6.35 16.30
N HIS A 118 8.08 -6.46 15.71
CA HIS A 118 7.80 -5.80 14.45
C HIS A 118 7.16 -4.42 14.62
N HIS A 119 6.35 -4.25 15.66
CA HIS A 119 5.72 -2.98 15.98
C HIS A 119 6.18 -2.60 17.38
N PRO A 120 7.17 -1.70 17.53
CA PRO A 120 7.65 -1.40 18.89
C PRO A 120 6.48 -1.11 19.82
N LYS A 121 6.52 -1.73 20.98
CA LYS A 121 5.46 -1.59 21.96
C LYS A 121 5.15 -0.12 22.23
N ASP A 122 6.17 0.69 22.40
CA ASP A 122 5.94 2.09 22.73
C ASP A 122 5.16 2.81 21.63
N ASN A 123 5.34 2.39 20.37
CA ASN A 123 4.53 2.94 19.29
C ASN A 123 3.06 2.55 19.43
N LEU A 124 2.80 1.29 19.79
CA LEU A 124 1.43 0.89 20.00
C LEU A 124 0.81 1.66 21.16
N ILE A 125 1.59 1.92 22.21
CA ILE A 125 1.03 2.68 23.32
C ILE A 125 0.71 4.11 22.89
N LYS A 126 1.61 4.75 22.14
CA LYS A 126 1.33 6.09 21.64
C LYS A 126 0.07 6.09 20.80
N LEU A 127 -0.06 5.11 19.90
CA LEU A 127 -1.21 5.08 19.02
C LEU A 127 -2.50 4.84 19.80
N LEU A 128 -2.51 3.86 20.70
CA LEU A 128 -3.79 3.57 21.32
C LEU A 128 -4.21 4.71 22.22
N THR A 129 -3.24 5.40 22.84
CA THR A 129 -3.51 6.57 23.64
C THR A 129 -4.03 7.72 22.78
N ALA A 130 -3.38 7.97 21.63
CA ALA A 130 -3.87 9.01 20.73
C ALA A 130 -5.28 8.72 20.23
N GLY A 131 -5.64 7.46 20.15
CA GLY A 131 -6.96 7.06 19.73
C GLY A 131 -7.98 6.96 20.85
N GLY A 132 -7.67 7.44 22.05
CA GLY A 132 -8.65 7.47 23.14
C GLY A 132 -8.71 6.20 23.94
N GLY A 133 -7.84 5.24 23.65
CA GLY A 133 -7.79 4.04 24.43
C GLY A 133 -7.09 4.25 25.74
N GLN A 134 -7.35 3.33 26.67
CA GLN A 134 -6.72 3.29 27.98
C GLN A 134 -5.89 2.03 28.16
N ILE A 135 -4.78 2.17 28.84
CA ILE A 135 -3.83 1.07 29.05
C ILE A 135 -4.16 0.34 30.33
N LEU A 136 -4.13 -0.99 30.27
CA LEU A 136 -4.21 -1.83 31.46
C LEU A 136 -2.79 -2.21 31.85
N SER A 137 -2.45 -2.06 33.13
CA SER A 137 -1.10 -2.44 33.53
C SER A 137 -1.00 -3.90 33.93
N ARG A 138 -2.12 -4.57 34.18
CA ARG A 138 -2.12 -6.00 34.48
C ARG A 138 -2.92 -6.78 33.44
N LYS A 139 -2.47 -8.00 33.15
CA LYS A 139 -3.16 -8.85 32.20
C LYS A 139 -4.59 -9.11 32.70
N PRO A 140 -5.62 -8.81 31.92
CA PRO A 140 -6.97 -9.05 32.40
C PRO A 140 -7.22 -10.54 32.53
N LYS A 141 -7.90 -10.92 33.59
CA LYS A 141 -8.33 -12.30 33.75
C LYS A 141 -9.83 -12.23 33.88
N PRO A 142 -10.61 -12.83 32.96
CA PRO A 142 -12.07 -12.67 33.02
C PRO A 142 -12.66 -12.93 34.40
N ASP A 143 -12.03 -13.76 35.21
CA ASP A 143 -12.47 -14.01 36.59
C ASP A 143 -11.68 -13.18 37.61
N SER A 144 -11.59 -11.85 37.48
CA SER A 144 -10.83 -11.07 38.46
C SER A 144 -11.54 -9.76 38.77
N ASP A 145 -10.88 -8.96 39.62
CA ASP A 145 -11.49 -7.75 40.19
C ASP A 145 -11.63 -6.64 39.15
N VAL A 146 -10.51 -6.19 38.56
CA VAL A 146 -10.57 -5.09 37.61
C VAL A 146 -11.42 -5.45 36.39
N THR A 147 -11.29 -6.68 35.85
CA THR A 147 -11.91 -6.88 34.53
C THR A 147 -13.41 -7.13 34.60
N GLN A 148 -13.92 -7.53 35.75
CA GLN A 148 -15.36 -7.67 35.93
C GLN A 148 -16.06 -6.36 36.26
N THR A 149 -15.33 -5.33 36.68
CA THR A 149 -15.91 -4.04 37.03
C THR A 149 -15.90 -3.03 35.90
N ILE A 150 -15.14 -3.24 34.83
CA ILE A 150 -15.16 -2.28 33.72
C ILE A 150 -16.47 -2.45 32.98
N ASN A 151 -17.18 -1.34 32.76
CA ASN A 151 -18.52 -1.39 32.20
C ASN A 151 -18.74 -0.24 31.23
N THR A 152 -17.76 0.01 30.40
CA THR A 152 -17.79 1.09 29.43
C THR A 152 -18.42 0.57 28.14
N VAL A 153 -18.75 1.49 27.25
CA VAL A 153 -19.17 1.11 25.91
C VAL A 153 -18.21 1.73 24.91
N ALA A 154 -18.04 1.07 23.78
CA ALA A 154 -17.18 1.56 22.71
C ALA A 154 -18.07 2.21 21.64
N TYR A 155 -17.94 3.54 21.52
CA TYR A 155 -18.76 4.32 20.60
C TYR A 155 -18.70 3.78 19.16
N HIS A 156 -17.52 3.38 18.73
CA HIS A 156 -17.32 2.98 17.33
C HIS A 156 -17.66 1.53 17.02
N ALA A 157 -18.12 0.78 18.01
CA ALA A 157 -18.75 -0.49 17.75
C ALA A 157 -20.21 -0.25 17.39
N ARG A 158 -20.75 -1.12 16.57
CA ARG A 158 -22.20 -1.16 16.40
C ARG A 158 -22.93 -1.41 17.72
N PRO A 159 -24.08 -0.78 17.96
CA PRO A 159 -24.74 -0.97 19.26
C PRO A 159 -25.13 -2.41 19.55
N ASP A 160 -25.34 -3.23 18.52
CA ASP A 160 -25.76 -4.62 18.72
C ASP A 160 -24.60 -5.62 18.67
N SER A 161 -23.39 -5.16 18.54
CA SER A 161 -22.24 -6.06 18.45
C SER A 161 -21.65 -6.30 19.83
N ASP A 162 -20.99 -7.46 20.00
CA ASP A 162 -20.34 -7.72 21.27
C ASP A 162 -19.25 -6.72 21.61
N GLN A 163 -18.61 -6.09 20.61
CA GLN A 163 -17.59 -5.08 20.90
C GLN A 163 -18.17 -3.80 21.50
N ARG A 164 -19.49 -3.64 21.48
CA ARG A 164 -20.08 -2.50 22.15
C ARG A 164 -19.79 -2.52 23.64
N PHE A 165 -19.84 -3.69 24.26
CA PHE A 165 -19.73 -3.79 25.71
C PHE A 165 -18.62 -4.72 26.16
N CYS A 166 -18.01 -5.50 25.26
CA CYS A 166 -16.79 -6.24 25.59
C CYS A 166 -15.68 -5.39 25.04
N THR A 167 -15.09 -4.57 25.91
CA THR A 167 -14.23 -3.48 25.50
C THR A 167 -12.79 -3.64 25.96
N GLN A 168 -12.39 -4.80 26.47
CA GLN A 168 -11.00 -5.02 26.88
C GLN A 168 -10.28 -5.88 25.86
N TYR A 169 -9.04 -5.52 25.53
CA TYR A 169 -8.32 -6.18 24.47
C TYR A 169 -6.95 -6.53 24.99
N ILE A 170 -6.61 -7.81 24.89
CA ILE A 170 -5.23 -8.28 25.04
C ILE A 170 -4.62 -8.32 23.66
N ILE A 171 -3.59 -7.49 23.44
CA ILE A 171 -2.92 -7.39 22.15
C ILE A 171 -1.67 -8.25 22.18
N TYR A 172 -1.50 -9.08 21.17
CA TYR A 172 -0.28 -9.86 20.97
C TYR A 172 0.28 -9.57 19.59
N GLU A 173 1.57 -9.81 19.40
CA GLU A 173 2.16 -9.56 18.09
C GLU A 173 1.86 -10.72 17.14
N ASP A 174 1.33 -10.46 15.94
CA ASP A 174 1.10 -11.66 15.15
C ASP A 174 2.33 -11.94 14.30
N LEU A 175 2.23 -12.99 13.48
CA LEU A 175 3.33 -13.59 12.75
C LEU A 175 4.38 -14.17 13.70
N CYS A 176 4.00 -14.47 14.96
CA CYS A 176 4.90 -15.04 15.95
C CYS A 176 4.47 -16.43 16.43
N ASN A 177 3.59 -17.13 15.69
CA ASN A 177 3.16 -18.49 16.02
C ASN A 177 2.36 -18.59 17.31
N TYR A 178 1.57 -17.58 17.64
CA TYR A 178 0.62 -17.66 18.72
C TYR A 178 -0.80 -17.61 18.15
N HIS A 179 -1.65 -18.54 18.57
CA HIS A 179 -3.06 -18.52 18.15
C HIS A 179 -3.93 -18.79 19.36
N PRO A 180 -4.70 -17.83 19.83
CA PRO A 180 -5.54 -18.09 20.99
C PRO A 180 -6.58 -19.15 20.65
N GLU A 181 -6.99 -19.89 21.68
CA GLU A 181 -8.03 -20.89 21.45
C GLU A 181 -9.32 -20.25 20.97
N ARG A 182 -9.68 -19.10 21.53
CA ARG A 182 -10.86 -18.37 21.12
C ARG A 182 -10.53 -16.89 21.18
N VAL A 183 -11.23 -16.09 20.37
CA VAL A 183 -10.92 -14.69 20.29
C VAL A 183 -11.42 -13.91 21.49
N ARG A 184 -12.33 -14.48 22.30
CA ARG A 184 -12.88 -13.74 23.43
C ARG A 184 -13.15 -14.68 24.60
N GLN A 185 -12.84 -14.21 25.79
CA GLN A 185 -13.25 -14.86 27.02
C GLN A 185 -13.89 -13.79 27.90
N GLY A 186 -15.18 -13.93 28.17
CA GLY A 186 -15.86 -12.88 28.91
C GLY A 186 -15.79 -11.57 28.15
N LYS A 187 -15.42 -10.51 28.84
CA LYS A 187 -15.35 -9.19 28.23
C LYS A 187 -14.02 -8.92 27.56
N VAL A 188 -13.14 -9.90 27.49
CA VAL A 188 -11.76 -9.71 27.07
C VAL A 188 -11.49 -10.41 25.75
N TRP A 189 -11.11 -9.63 24.74
CA TRP A 189 -10.68 -10.16 23.46
C TRP A 189 -9.18 -10.40 23.45
N LYS A 190 -8.76 -11.35 22.65
CA LYS A 190 -7.37 -11.49 22.26
C LYS A 190 -7.23 -11.15 20.79
N ALA A 191 -6.48 -10.08 20.51
CA ALA A 191 -6.40 -9.50 19.18
C ALA A 191 -4.94 -9.32 18.75
N PRO A 192 -4.61 -9.63 17.50
CA PRO A 192 -3.25 -9.42 17.01
C PRO A 192 -2.98 -7.95 16.72
N SER A 193 -1.69 -7.61 16.76
CA SER A 193 -1.30 -6.22 16.50
C SER A 193 -1.77 -5.76 15.11
N SER A 194 -1.85 -6.69 14.15
CA SER A 194 -2.30 -6.31 12.81
C SER A 194 -3.77 -5.85 12.82
N TRP A 195 -4.59 -6.45 13.68
CA TRP A 195 -5.99 -5.99 13.83
C TRP A 195 -5.99 -4.54 14.23
N PHE A 196 -5.13 -4.20 15.17
CA PHE A 196 -5.05 -2.83 15.67
C PHE A 196 -4.62 -1.89 14.58
N ILE A 197 -3.59 -2.28 13.82
CA ILE A 197 -3.12 -1.44 12.72
C ILE A 197 -4.21 -1.30 11.66
N ASP A 198 -4.87 -2.40 11.31
CA ASP A 198 -5.93 -2.34 10.29
C ASP A 198 -7.08 -1.42 10.76
N CYS A 199 -7.38 -1.42 12.05
CA CYS A 199 -8.43 -0.51 12.54
C CYS A 199 -8.05 0.93 12.28
N VAL A 200 -6.83 1.31 12.62
CA VAL A 200 -6.41 2.70 12.47
C VAL A 200 -6.44 3.08 11.01
N MET A 201 -5.82 2.26 10.17
CA MET A 201 -5.70 2.60 8.76
C MET A 201 -7.06 2.74 8.09
N SER A 202 -8.07 2.02 8.55
CA SER A 202 -9.42 2.13 7.98
C SER A 202 -10.37 3.04 8.78
N PHE A 203 -9.91 3.55 9.92
CA PHE A 203 -10.73 4.21 10.94
C PHE A 203 -12.03 3.47 11.21
N GLU A 204 -11.88 2.21 11.62
CA GLU A 204 -12.99 1.38 11.99
C GLU A 204 -12.57 0.51 13.16
N LEU A 205 -13.51 0.27 14.08
CA LEU A 205 -13.30 -0.74 15.11
C LEU A 205 -13.74 -2.05 14.49
N LEU A 206 -12.78 -2.77 13.91
CA LEU A 206 -13.06 -3.94 13.09
C LEU A 206 -13.43 -5.12 13.98
N PRO A 207 -14.31 -5.98 13.51
CA PRO A 207 -14.63 -7.16 14.28
C PRO A 207 -13.47 -8.13 14.30
N LEU A 208 -13.42 -8.92 15.35
CA LEU A 208 -12.49 -10.01 15.47
C LEU A 208 -13.11 -11.36 15.13
N ASP A 209 -14.42 -11.49 15.24
CA ASP A 209 -15.06 -12.72 14.83
C ASP A 209 -15.71 -12.48 13.47
N SER A 210 -16.87 -11.83 13.44
CA SER A 210 -17.57 -11.52 12.20
C SER A 210 -16.75 -10.67 11.22
N PRO B 2 -2.92 5.22 -32.73
CA PRO B 2 -2.38 6.35 -31.96
C PRO B 2 -1.32 5.90 -30.93
N LEU B 3 -0.04 6.10 -31.25
CA LEU B 3 1.05 5.58 -30.45
C LEU B 3 1.41 6.56 -29.33
N VAL B 4 1.81 6.02 -28.19
CA VAL B 4 2.18 6.79 -27.02
C VAL B 4 3.48 6.17 -26.52
N LEU B 5 4.57 6.93 -26.65
CA LEU B 5 5.93 6.50 -26.37
C LEU B 5 6.38 7.02 -25.02
N ILE B 6 7.21 6.24 -24.33
CA ILE B 6 7.85 6.70 -23.11
C ILE B 6 9.21 6.02 -23.01
N GLY B 7 10.17 6.73 -22.43
CA GLY B 7 11.50 6.20 -22.20
C GLY B 7 11.73 5.89 -20.74
N SER B 8 12.52 4.85 -20.48
CA SER B 8 12.94 4.49 -19.13
C SER B 8 14.45 4.34 -19.11
N GLY B 9 15.11 5.12 -18.27
CA GLY B 9 16.56 5.04 -18.20
C GLY B 9 17.30 5.70 -19.35
N LEU B 10 16.63 6.54 -20.14
CA LEU B 10 17.27 7.14 -21.31
C LEU B 10 18.10 8.35 -20.92
N SER B 11 19.20 8.55 -21.66
CA SER B 11 19.99 9.77 -21.50
C SER B 11 19.20 10.97 -22.01
N SER B 12 19.74 12.16 -21.72
CA SER B 12 19.14 13.38 -22.24
C SER B 12 19.10 13.37 -23.76
N GLU B 13 20.22 13.00 -24.42
CA GLU B 13 20.24 12.91 -25.87
C GLU B 13 19.24 11.88 -26.39
N GLN B 14 19.14 10.74 -25.69
CA GLN B 14 18.19 9.71 -26.11
C GLN B 14 16.75 10.17 -26.00
N GLN B 15 16.41 10.93 -24.95
CA GLN B 15 15.06 11.46 -24.82
C GLN B 15 14.74 12.43 -25.96
N LYS B 16 15.71 13.28 -26.32
CA LYS B 16 15.49 14.19 -27.43
C LYS B 16 15.21 13.41 -28.71
N MET B 17 15.96 12.33 -28.93
CA MET B 17 15.73 11.50 -30.10
C MET B 17 14.34 10.85 -30.06
N LEU B 18 13.93 10.35 -28.89
CA LEU B 18 12.59 9.81 -28.75
C LEU B 18 11.53 10.87 -29.06
N SER B 19 11.76 12.11 -28.63
CA SER B 19 10.87 13.21 -28.99
C SER B 19 10.85 13.44 -30.51
N GLU B 20 12.02 13.43 -31.14
CA GLU B 20 12.06 13.61 -32.60
C GLU B 20 11.27 12.50 -33.30
N LEU B 21 11.38 11.26 -32.80
CA LEU B 21 10.65 10.16 -33.40
C LEU B 21 9.15 10.34 -33.21
N ALA B 22 8.73 10.80 -32.03
CA ALA B 22 7.31 10.95 -31.80
C ALA B 22 6.71 11.96 -32.77
N VAL B 23 7.45 13.02 -33.08
CA VAL B 23 6.99 13.97 -34.11
C VAL B 23 6.82 13.25 -35.44
N ILE B 24 7.83 12.50 -35.84
CA ILE B 24 7.80 11.84 -37.13
C ILE B 24 6.62 10.87 -37.22
N LEU B 25 6.34 10.13 -36.16
CA LEU B 25 5.25 9.16 -36.17
C LEU B 25 3.89 9.75 -35.82
N LYS B 26 3.80 11.07 -35.55
CA LYS B 26 2.54 11.67 -35.11
C LYS B 26 2.07 11.02 -33.82
N ALA B 27 3.02 10.68 -32.96
CA ALA B 27 2.73 9.99 -31.72
C ALA B 27 2.88 10.93 -30.54
N LYS B 28 2.45 10.43 -29.38
CA LYS B 28 2.70 11.12 -28.13
C LYS B 28 4.00 10.63 -27.54
N LYS B 29 4.66 11.50 -26.77
CA LYS B 29 5.83 11.10 -25.98
C LYS B 29 5.62 11.67 -24.58
N TYR B 30 5.47 10.79 -23.61
CA TYR B 30 5.25 11.13 -22.22
C TYR B 30 6.53 10.93 -21.43
N THR B 31 6.55 11.52 -20.22
CA THR B 31 7.58 11.18 -19.25
C THR B 31 7.02 10.49 -18.01
N GLU B 32 5.70 10.47 -17.82
CA GLU B 32 5.04 9.74 -16.75
C GLU B 32 4.18 8.65 -17.35
N PHE B 33 4.27 7.44 -16.79
CA PHE B 33 3.51 6.32 -17.33
C PHE B 33 2.03 6.48 -17.08
N ASP B 34 1.21 6.10 -18.06
CA ASP B 34 -0.19 5.82 -17.77
C ASP B 34 -0.67 4.77 -18.75
N SER B 35 -1.93 4.37 -18.59
CA SER B 35 -2.39 3.17 -19.28
C SER B 35 -2.52 3.35 -20.78
N THR B 36 -2.40 4.58 -21.30
CA THR B 36 -2.44 4.74 -22.76
C THR B 36 -1.08 4.51 -23.41
N VAL B 37 -0.02 4.35 -22.61
CA VAL B 37 1.30 4.07 -23.17
C VAL B 37 1.26 2.78 -23.97
N THR B 38 1.83 2.82 -25.18
CA THR B 38 1.93 1.65 -26.05
C THR B 38 3.35 1.12 -26.19
N HIS B 39 4.36 1.98 -26.03
CA HIS B 39 5.76 1.66 -26.29
C HIS B 39 6.62 2.22 -25.17
N VAL B 40 7.43 1.37 -24.54
CA VAL B 40 8.45 1.78 -23.60
C VAL B 40 9.81 1.48 -24.23
N VAL B 41 10.69 2.47 -24.27
CA VAL B 41 12.01 2.33 -24.85
C VAL B 41 13.05 2.37 -23.73
N VAL B 42 13.92 1.36 -23.70
CA VAL B 42 14.99 1.25 -22.72
C VAL B 42 16.32 1.55 -23.40
N PRO B 43 17.38 1.87 -22.65
CA PRO B 43 18.60 2.38 -23.28
C PRO B 43 19.46 1.34 -23.97
N GLY B 44 19.32 0.06 -23.62
CA GLY B 44 20.18 -0.97 -24.16
C GLY B 44 19.37 -2.20 -24.47
N ASP B 45 19.93 -3.39 -24.18
CA ASP B 45 19.41 -4.70 -24.53
C ASP B 45 18.53 -5.31 -23.45
N ALA B 46 18.31 -4.61 -22.35
CA ALA B 46 17.76 -5.23 -21.16
C ALA B 46 16.60 -4.43 -20.56
N VAL B 47 15.67 -5.17 -19.93
CA VAL B 47 14.63 -4.55 -19.12
C VAL B 47 15.26 -3.84 -17.93
N GLN B 48 14.81 -2.63 -17.68
CA GLN B 48 15.15 -1.88 -16.47
C GLN B 48 14.21 -2.28 -15.33
N SER B 49 14.75 -2.38 -14.13
CA SER B 49 13.91 -2.60 -12.95
C SER B 49 13.38 -1.26 -12.41
N THR B 50 12.58 -0.60 -13.24
CA THR B 50 12.02 0.71 -12.93
C THR B 50 10.52 0.60 -12.93
N LEU B 51 9.87 1.54 -12.26
CA LEU B 51 8.42 1.55 -12.24
C LEU B 51 7.88 1.60 -13.65
N LYS B 52 8.45 2.46 -14.51
CA LYS B 52 7.98 2.59 -15.87
C LYS B 52 8.07 1.30 -16.65
N CYS B 53 9.24 0.64 -16.59
CA CYS B 53 9.37 -0.62 -17.31
C CYS B 53 8.41 -1.67 -16.77
N MET B 54 8.23 -1.72 -15.44
CA MET B 54 7.38 -2.74 -14.85
C MET B 54 5.92 -2.50 -15.17
N LEU B 55 5.48 -1.25 -15.15
CA LEU B 55 4.12 -0.95 -15.59
C LEU B 55 3.95 -1.25 -17.06
N GLY B 56 4.99 -1.01 -17.86
CA GLY B 56 4.90 -1.35 -19.27
C GLY B 56 4.71 -2.84 -19.48
N ILE B 57 5.47 -3.65 -18.75
CA ILE B 57 5.28 -5.09 -18.82
C ILE B 57 3.85 -5.46 -18.40
N LEU B 58 3.37 -4.92 -17.26
CA LEU B 58 2.08 -5.39 -16.79
C LEU B 58 0.96 -4.94 -17.71
N ASN B 59 1.16 -3.87 -18.45
CA ASN B 59 0.19 -3.45 -19.44
C ASN B 59 0.43 -4.08 -20.80
N GLY B 60 1.40 -4.96 -20.94
CA GLY B 60 1.60 -5.63 -22.22
C GLY B 60 2.10 -4.72 -23.30
N CYS B 61 2.81 -3.64 -22.95
CA CYS B 61 3.37 -2.73 -23.91
C CYS B 61 4.51 -3.38 -24.70
N TRP B 62 4.85 -2.77 -25.83
CA TRP B 62 6.12 -3.03 -26.45
C TRP B 62 7.21 -2.49 -25.54
N ILE B 63 8.17 -3.32 -25.18
CA ILE B 63 9.36 -2.88 -24.47
C ILE B 63 10.50 -3.08 -25.45
N LEU B 64 11.08 -1.97 -25.92
CA LEU B 64 11.95 -2.00 -27.09
C LEU B 64 13.34 -1.44 -26.76
N LYS B 65 14.35 -2.06 -27.36
CA LYS B 65 15.72 -1.54 -27.31
C LYS B 65 15.80 -0.18 -27.98
N PHE B 66 16.70 0.67 -27.48
CA PHE B 66 16.82 1.99 -28.08
C PHE B 66 17.21 1.92 -29.55
N GLU B 67 17.83 0.83 -29.99
CA GLU B 67 18.12 0.66 -31.41
C GLU B 67 16.87 0.84 -32.28
N TRP B 68 15.68 0.55 -31.75
CA TRP B 68 14.46 0.81 -32.51
C TRP B 68 14.30 2.29 -32.85
N VAL B 69 14.60 3.16 -31.90
CA VAL B 69 14.48 4.59 -32.16
C VAL B 69 15.44 4.99 -33.28
N LYS B 70 16.69 4.55 -33.17
CA LYS B 70 17.66 4.88 -34.22
C LYS B 70 17.21 4.37 -35.57
N ALA B 71 16.71 3.13 -35.61
CA ALA B 71 16.26 2.56 -36.89
C ALA B 71 15.07 3.33 -37.44
N CYS B 72 14.13 3.73 -36.57
CA CYS B 72 12.97 4.47 -37.03
C CYS B 72 13.38 5.81 -37.61
N LEU B 73 14.32 6.47 -36.95
CA LEU B 73 14.75 7.80 -37.39
C LEU B 73 15.49 7.71 -38.72
N ARG B 74 16.19 6.60 -38.97
CA ARG B 74 16.93 6.46 -40.22
C ARG B 74 16.00 6.41 -41.41
N ARG B 75 14.92 5.65 -41.30
CA ARG B 75 13.98 5.45 -42.40
C ARG B 75 12.69 6.23 -42.24
N LYS B 76 12.54 6.97 -41.14
CA LYS B 76 11.36 7.79 -40.89
C LYS B 76 10.08 6.97 -41.02
N VAL B 77 10.09 5.78 -40.41
CA VAL B 77 8.91 4.94 -40.32
C VAL B 77 8.93 4.26 -38.97
N CYS B 78 7.80 3.66 -38.64
CA CYS B 78 7.69 2.83 -37.45
C CYS B 78 8.22 1.45 -37.81
N GLU B 79 9.50 1.20 -37.51
CA GLU B 79 10.10 -0.11 -37.70
C GLU B 79 9.35 -1.19 -36.93
N GLN B 80 9.37 -2.41 -37.47
CA GLN B 80 8.59 -3.52 -36.91
C GLN B 80 9.05 -3.80 -35.49
N GLU B 81 8.14 -3.62 -34.53
CA GLU B 81 8.53 -3.66 -33.13
C GLU B 81 9.09 -5.02 -32.71
N GLU B 82 8.54 -6.12 -33.22
CA GLU B 82 8.98 -7.41 -32.68
C GLU B 82 10.47 -7.63 -32.88
N LYS B 83 11.06 -6.98 -33.87
CA LYS B 83 12.46 -7.17 -34.17
C LYS B 83 13.37 -6.43 -33.20
N TYR B 84 12.79 -5.58 -32.36
CA TYR B 84 13.53 -4.80 -31.36
C TYR B 84 13.09 -5.05 -29.93
N GLU B 85 12.18 -5.99 -29.73
CA GLU B 85 11.56 -6.26 -28.45
C GLU B 85 12.51 -6.98 -27.51
N ILE B 86 12.48 -6.60 -26.25
CA ILE B 86 13.24 -7.29 -25.19
C ILE B 86 12.64 -8.68 -24.98
N PRO B 87 13.42 -9.75 -24.97
CA PRO B 87 12.86 -11.07 -24.84
C PRO B 87 12.48 -11.38 -23.40
N GLU B 88 11.85 -12.54 -23.22
CA GLU B 88 11.38 -13.06 -21.95
C GLU B 88 10.13 -12.29 -21.51
N GLY B 89 10.15 -11.73 -20.30
CA GLY B 89 8.95 -11.14 -19.71
C GLY B 89 8.14 -10.22 -20.61
N PRO B 90 8.80 -9.20 -21.17
CA PRO B 90 8.08 -8.26 -22.05
C PRO B 90 7.35 -8.94 -23.19
N ARG B 91 8.02 -9.86 -23.90
CA ARG B 91 7.37 -10.52 -25.03
C ARG B 91 6.24 -11.43 -24.55
N ARG B 92 6.48 -12.20 -23.50
CA ARG B 92 5.41 -13.07 -23.00
C ARG B 92 4.19 -12.24 -22.58
N SER B 93 4.40 -11.09 -21.93
CA SER B 93 3.26 -10.27 -21.53
C SER B 93 2.53 -9.65 -22.71
N ARG B 94 3.26 -9.16 -23.70
CA ARG B 94 2.58 -8.55 -24.85
C ARG B 94 1.68 -9.57 -25.54
N LEU B 95 2.19 -10.78 -25.76
CA LEU B 95 1.40 -11.84 -26.37
C LEU B 95 0.20 -12.18 -25.51
N ASN B 96 0.41 -12.26 -24.20
CA ASN B 96 -0.69 -12.52 -23.28
C ASN B 96 -1.80 -11.49 -23.46
N ARG B 97 -1.42 -10.23 -23.56
CA ARG B 97 -2.41 -9.19 -23.68
C ARG B 97 -3.07 -9.24 -25.06
N GLU B 98 -2.30 -9.51 -26.11
CA GLU B 98 -2.90 -9.58 -27.43
C GLU B 98 -3.94 -10.70 -27.49
N GLN B 99 -3.74 -11.76 -26.74
CA GLN B 99 -4.67 -12.88 -26.73
C GLN B 99 -5.79 -12.71 -25.73
N LEU B 100 -5.87 -11.56 -25.08
CA LEU B 100 -6.93 -11.23 -24.13
C LEU B 100 -6.98 -12.25 -23.01
N LEU B 101 -5.80 -12.71 -22.60
CA LEU B 101 -5.69 -13.66 -21.51
C LEU B 101 -5.62 -12.92 -20.17
N PRO B 102 -5.77 -13.64 -19.05
CA PRO B 102 -5.78 -12.98 -17.74
C PRO B 102 -4.48 -12.25 -17.44
N LYS B 103 -4.60 -11.19 -16.66
CA LYS B 103 -3.42 -10.45 -16.24
C LYS B 103 -2.60 -11.30 -15.29
N LEU B 104 -1.35 -10.88 -15.09
CA LEU B 104 -0.38 -11.73 -14.39
C LEU B 104 -0.90 -12.21 -13.04
N PHE B 105 -1.47 -11.30 -12.25
CA PHE B 105 -1.90 -11.61 -10.90
C PHE B 105 -3.41 -11.82 -10.81
N ASP B 106 -4.06 -12.17 -11.93
CA ASP B 106 -5.47 -12.53 -11.89
C ASP B 106 -5.72 -13.66 -10.91
N GLY B 107 -6.76 -13.52 -10.10
CA GLY B 107 -7.07 -14.51 -9.10
C GLY B 107 -6.32 -14.35 -7.80
N CYS B 108 -5.37 -13.42 -7.72
CA CYS B 108 -4.53 -13.25 -6.55
C CYS B 108 -4.96 -12.03 -5.73
N TYR B 109 -4.66 -12.13 -4.45
CA TYR B 109 -5.01 -11.13 -3.44
C TYR B 109 -3.75 -10.80 -2.64
N PHE B 110 -3.57 -9.53 -2.30
CA PHE B 110 -2.35 -9.05 -1.67
C PHE B 110 -2.63 -8.15 -0.49
N TYR B 111 -1.97 -8.44 0.62
CA TYR B 111 -2.01 -7.60 1.81
C TYR B 111 -0.60 -7.11 2.07
N LEU B 112 -0.43 -5.79 2.13
CA LEU B 112 0.88 -5.20 2.31
C LEU B 112 1.14 -5.02 3.80
N TRP B 113 2.09 -5.79 4.32
CA TRP B 113 2.35 -5.85 5.76
C TRP B 113 3.56 -5.01 6.12
N GLY B 114 3.39 -4.15 7.13
CA GLY B 114 4.51 -3.44 7.73
C GLY B 114 4.97 -2.25 6.92
N THR B 115 6.25 -1.93 7.07
CA THR B 115 6.90 -0.75 6.53
C THR B 115 7.52 -1.02 5.16
N PHE B 116 7.47 -0.01 4.29
CA PHE B 116 8.06 -0.06 2.96
C PHE B 116 8.93 1.16 2.72
N LYS B 117 10.20 0.94 2.41
CA LYS B 117 11.13 2.01 2.07
C LYS B 117 11.77 1.87 0.70
N HIS B 118 12.36 0.71 0.40
CA HIS B 118 13.08 0.56 -0.86
C HIS B 118 12.19 0.18 -2.01
N HIS B 119 11.05 -0.44 -1.71
CA HIS B 119 10.00 -0.67 -2.68
C HIS B 119 8.82 0.16 -2.20
N PRO B 120 8.68 1.40 -2.66
CA PRO B 120 7.64 2.28 -2.12
C PRO B 120 6.26 1.63 -2.19
N LYS B 121 5.53 1.77 -1.10
CA LYS B 121 4.20 1.20 -1.00
C LYS B 121 3.34 1.62 -2.18
N ASP B 122 3.36 2.92 -2.52
CA ASP B 122 2.59 3.39 -3.67
C ASP B 122 2.96 2.66 -4.94
N ASN B 123 4.24 2.35 -5.12
CA ASN B 123 4.65 1.64 -6.33
C ASN B 123 4.10 0.22 -6.35
N LEU B 124 4.19 -0.48 -5.23
CA LEU B 124 3.64 -1.82 -5.15
C LEU B 124 2.15 -1.82 -5.42
N ILE B 125 1.44 -0.82 -4.92
CA ILE B 125 0.00 -0.79 -5.13
C ILE B 125 -0.30 -0.57 -6.60
N LYS B 126 0.42 0.35 -7.24
CA LYS B 126 0.25 0.56 -8.68
C LYS B 126 0.52 -0.72 -9.45
N LEU B 127 1.58 -1.42 -9.12
CA LEU B 127 1.95 -2.60 -9.86
C LEU B 127 0.90 -3.71 -9.68
N LEU B 128 0.48 -3.96 -8.45
CA LEU B 128 -0.37 -5.12 -8.29
C LEU B 128 -1.74 -4.87 -8.91
N THR B 129 -2.19 -3.62 -8.88
CA THR B 129 -3.41 -3.21 -9.56
C THR B 129 -3.27 -3.34 -11.08
N ALA B 130 -2.17 -2.82 -11.63
CA ALA B 130 -1.94 -2.94 -13.06
C ALA B 130 -1.87 -4.41 -13.47
N GLY B 131 -1.42 -5.28 -12.60
CA GLY B 131 -1.30 -6.69 -12.88
C GLY B 131 -2.53 -7.51 -12.57
N GLY B 132 -3.63 -6.86 -12.22
CA GLY B 132 -4.87 -7.57 -12.01
C GLY B 132 -5.03 -8.17 -10.63
N GLY B 133 -4.13 -7.87 -9.71
CA GLY B 133 -4.28 -8.35 -8.35
C GLY B 133 -5.27 -7.51 -7.58
N GLN B 134 -5.77 -8.05 -6.49
CA GLN B 134 -6.72 -7.33 -5.65
C GLN B 134 -6.04 -7.03 -4.32
N ILE B 135 -6.25 -5.81 -3.79
CA ILE B 135 -5.60 -5.38 -2.57
C ILE B 135 -6.53 -5.73 -1.44
N LEU B 136 -5.98 -6.28 -0.36
CA LEU B 136 -6.73 -6.54 0.86
C LEU B 136 -6.42 -5.47 1.90
N SER B 137 -7.46 -4.92 2.51
CA SER B 137 -7.25 -3.94 3.58
C SER B 137 -7.16 -4.59 4.97
N ARG B 138 -7.49 -5.89 5.10
CA ARG B 138 -7.32 -6.65 6.33
C ARG B 138 -6.42 -7.85 6.09
N LYS B 139 -5.63 -8.19 7.10
CA LYS B 139 -4.75 -9.35 7.00
C LYS B 139 -5.59 -10.60 6.73
N PRO B 140 -5.26 -11.39 5.72
CA PRO B 140 -6.13 -12.51 5.36
C PRO B 140 -6.11 -13.59 6.43
N LYS B 141 -7.31 -14.09 6.70
CA LYS B 141 -7.63 -15.08 7.73
C LYS B 141 -8.35 -16.27 7.12
N PRO B 142 -8.01 -17.49 7.54
CA PRO B 142 -8.77 -18.66 7.06
C PRO B 142 -10.27 -18.57 7.24
N ASP B 143 -10.78 -17.87 8.25
CA ASP B 143 -12.20 -17.90 8.56
C ASP B 143 -13.02 -16.88 7.77
N SER B 144 -12.37 -16.09 6.91
CA SER B 144 -13.03 -15.08 6.09
C SER B 144 -12.42 -15.09 4.71
N ASP B 145 -12.18 -16.28 4.21
CA ASP B 145 -11.52 -16.51 2.94
C ASP B 145 -12.48 -16.13 1.80
N VAL B 146 -12.12 -15.08 1.06
CA VAL B 146 -12.96 -14.63 -0.05
C VAL B 146 -13.05 -15.70 -1.13
N THR B 147 -12.01 -16.52 -1.28
CA THR B 147 -12.01 -17.52 -2.33
C THR B 147 -12.90 -18.72 -2.01
N GLN B 148 -13.58 -18.74 -0.84
CA GLN B 148 -14.63 -19.73 -0.60
C GLN B 148 -15.96 -19.33 -1.25
N THR B 149 -16.10 -18.08 -1.70
CA THR B 149 -17.35 -17.61 -2.30
C THR B 149 -17.45 -17.92 -3.78
N ILE B 150 -16.33 -18.29 -4.41
CA ILE B 150 -16.35 -18.68 -5.82
C ILE B 150 -15.02 -19.36 -6.10
N ASN B 151 -15.04 -20.42 -6.91
CA ASN B 151 -13.80 -21.10 -7.25
C ASN B 151 -12.84 -20.10 -7.86
N THR B 152 -11.70 -19.89 -7.21
CA THR B 152 -10.71 -18.92 -7.65
C THR B 152 -9.40 -19.60 -7.98
N VAL B 153 -8.88 -19.35 -9.17
CA VAL B 153 -7.59 -19.90 -9.55
C VAL B 153 -6.73 -18.79 -10.09
N ALA B 154 -5.41 -18.95 -10.00
CA ALA B 154 -4.46 -18.01 -10.59
C ALA B 154 -3.97 -18.61 -11.91
N TYR B 155 -4.42 -18.03 -13.02
CA TYR B 155 -4.11 -18.56 -14.34
C TYR B 155 -2.61 -18.73 -14.56
N HIS B 156 -1.80 -17.81 -14.06
CA HIS B 156 -0.37 -17.83 -14.37
C HIS B 156 0.45 -18.71 -13.43
N ALA B 157 -0.19 -19.38 -12.47
CA ALA B 157 0.56 -20.26 -11.60
C ALA B 157 0.93 -21.49 -12.39
N ARG B 158 2.10 -22.05 -12.08
CA ARG B 158 2.46 -23.29 -12.75
C ARG B 158 1.41 -24.37 -12.45
N PRO B 159 1.16 -25.26 -13.42
CA PRO B 159 0.00 -26.18 -13.29
C PRO B 159 0.08 -27.13 -12.10
N ASP B 160 1.28 -27.46 -11.63
CA ASP B 160 1.40 -28.34 -10.47
C ASP B 160 1.61 -27.55 -9.18
N SER B 161 1.50 -26.22 -9.23
CA SER B 161 1.80 -25.42 -8.04
C SER B 161 0.56 -25.28 -7.17
N ASP B 162 0.80 -25.24 -5.86
CA ASP B 162 -0.25 -24.84 -4.93
C ASP B 162 -0.70 -23.41 -5.18
N GLN B 163 0.12 -22.59 -5.86
CA GLN B 163 -0.27 -21.22 -6.17
C GLN B 163 -1.42 -21.14 -7.16
N ARG B 164 -1.78 -22.27 -7.78
CA ARG B 164 -2.97 -22.28 -8.62
C ARG B 164 -4.22 -21.96 -7.81
N PHE B 165 -4.33 -22.48 -6.58
CA PHE B 165 -5.51 -22.28 -5.77
C PHE B 165 -5.25 -21.68 -4.40
N CYS B 166 -4.00 -21.57 -3.98
CA CYS B 166 -3.63 -20.77 -2.80
C CYS B 166 -3.11 -19.44 -3.34
N THR B 167 -3.98 -18.43 -3.38
CA THR B 167 -3.69 -17.24 -4.17
C THR B 167 -3.62 -15.97 -3.35
N GLN B 168 -3.54 -16.07 -2.03
CA GLN B 168 -3.48 -14.92 -1.14
C GLN B 168 -2.05 -14.76 -0.62
N TYR B 169 -1.59 -13.51 -0.58
CA TYR B 169 -0.21 -13.16 -0.29
C TYR B 169 -0.13 -12.03 0.74
N ILE B 170 0.66 -12.26 1.79
CA ILE B 170 1.09 -11.22 2.68
C ILE B 170 2.45 -10.81 2.17
N ILE B 171 2.56 -9.56 1.70
CA ILE B 171 3.81 -9.05 1.16
C ILE B 171 4.48 -8.21 2.23
N TYR B 172 5.76 -8.50 2.50
CA TYR B 172 6.59 -7.71 3.39
C TYR B 172 7.89 -7.28 2.68
N GLU B 173 8.46 -6.18 3.13
CA GLU B 173 9.73 -5.76 2.57
C GLU B 173 10.82 -6.58 3.26
N ASP B 174 11.66 -7.26 2.47
CA ASP B 174 12.61 -8.21 3.04
C ASP B 174 13.91 -7.51 3.43
N LEU B 175 14.89 -8.30 3.89
CA LEU B 175 16.11 -7.75 4.46
C LEU B 175 15.81 -6.90 5.70
N CYS B 176 14.70 -7.22 6.37
CA CYS B 176 14.31 -6.61 7.63
C CYS B 176 14.45 -7.60 8.77
N ASN B 177 15.22 -8.67 8.54
CA ASN B 177 15.55 -9.68 9.55
C ASN B 177 14.31 -10.45 10.00
N TYR B 178 13.31 -10.56 9.11
CA TYR B 178 12.16 -11.43 9.30
C TYR B 178 12.14 -12.48 8.20
N HIS B 179 12.09 -13.75 8.59
CA HIS B 179 11.90 -14.87 7.70
C HIS B 179 10.90 -15.81 8.35
N PRO B 180 9.73 -16.02 7.75
CA PRO B 180 8.72 -16.86 8.39
C PRO B 180 9.22 -18.29 8.55
N GLU B 181 8.70 -18.95 9.59
CA GLU B 181 8.98 -20.37 9.80
C GLU B 181 8.51 -21.17 8.60
N ARG B 182 7.30 -20.87 8.13
CA ARG B 182 6.75 -21.54 6.97
C ARG B 182 6.15 -20.49 6.06
N VAL B 183 6.35 -20.70 4.77
CA VAL B 183 5.98 -19.71 3.79
C VAL B 183 4.49 -19.74 3.49
N ARG B 184 3.76 -20.77 3.91
CA ARG B 184 2.34 -20.85 3.60
C ARG B 184 1.56 -21.39 4.79
N GLN B 185 0.44 -20.75 5.06
CA GLN B 185 -0.52 -21.26 6.03
C GLN B 185 -1.88 -21.21 5.35
N GLY B 186 -2.47 -22.38 5.14
CA GLY B 186 -3.71 -22.40 4.40
C GLY B 186 -3.51 -21.83 3.00
N LYS B 187 -4.38 -20.93 2.60
CA LYS B 187 -4.32 -20.35 1.27
C LYS B 187 -3.40 -19.12 1.20
N VAL B 188 -2.70 -18.79 2.27
CA VAL B 188 -1.99 -17.52 2.42
C VAL B 188 -0.50 -17.76 2.47
N TRP B 189 0.21 -17.18 1.51
CA TRP B 189 1.66 -17.16 1.46
C TRP B 189 2.19 -15.91 2.14
N LYS B 190 3.39 -16.02 2.67
CA LYS B 190 4.17 -14.89 3.13
C LYS B 190 5.32 -14.71 2.16
N ALA B 191 5.35 -13.57 1.45
CA ALA B 191 6.33 -13.39 0.38
C ALA B 191 7.00 -12.03 0.46
N PRO B 192 8.30 -11.97 0.22
CA PRO B 192 8.99 -10.67 0.22
C PRO B 192 8.66 -9.86 -1.02
N SER B 193 8.77 -8.54 -0.90
CA SER B 193 8.50 -7.68 -2.04
C SER B 193 9.44 -7.98 -3.21
N SER B 194 10.65 -8.49 -2.92
CA SER B 194 11.58 -8.84 -4.00
C SER B 194 11.04 -9.97 -4.89
N TRP B 195 10.32 -10.93 -4.29
CA TRP B 195 9.63 -11.95 -5.07
C TRP B 195 8.62 -11.33 -6.02
N PHE B 196 7.83 -10.40 -5.51
CA PHE B 196 6.80 -9.74 -6.32
C PHE B 196 7.41 -9.03 -7.50
N ILE B 197 8.50 -8.28 -7.28
CA ILE B 197 9.21 -7.58 -8.36
C ILE B 197 9.76 -8.59 -9.36
N ASP B 198 10.35 -9.69 -8.88
CA ASP B 198 10.89 -10.68 -9.80
C ASP B 198 9.78 -11.27 -10.68
N CYS B 199 8.58 -11.44 -10.11
CA CYS B 199 7.44 -11.92 -10.88
C CYS B 199 7.14 -10.98 -12.03
N VAL B 200 7.08 -9.68 -11.73
CA VAL B 200 6.76 -8.71 -12.77
C VAL B 200 7.82 -8.73 -13.85
N MET B 201 9.09 -8.65 -13.47
CA MET B 201 10.16 -8.53 -14.46
C MET B 201 10.20 -9.74 -15.38
N SER B 202 9.78 -10.91 -14.90
CA SER B 202 9.82 -12.10 -15.74
C SER B 202 8.45 -12.42 -16.33
N PHE B 203 7.42 -11.66 -15.99
CA PHE B 203 6.03 -11.98 -16.27
C PHE B 203 5.74 -13.45 -15.98
N GLU B 204 6.01 -13.82 -14.73
CA GLU B 204 5.76 -15.18 -14.27
C GLU B 204 5.29 -15.11 -12.82
N LEU B 205 4.37 -16.00 -12.47
CA LEU B 205 4.02 -16.17 -11.07
C LEU B 205 5.00 -17.20 -10.55
N LEU B 206 6.09 -16.72 -10.00
CA LEU B 206 7.20 -17.57 -9.64
C LEU B 206 6.85 -18.35 -8.38
N PRO B 207 7.35 -19.58 -8.25
CA PRO B 207 7.07 -20.35 -7.05
C PRO B 207 7.77 -19.80 -5.83
N LEU B 208 7.12 -20.03 -4.69
CA LEU B 208 7.69 -19.83 -3.38
C LEU B 208 8.06 -21.14 -2.68
N ASP B 209 7.47 -22.27 -3.07
CA ASP B 209 7.84 -23.58 -2.53
C ASP B 209 8.56 -24.40 -3.60
N SER B 210 9.52 -25.21 -3.14
CA SER B 210 10.27 -26.15 -4.00
C SER B 210 10.45 -25.66 -5.46
S SO4 C . -1.45 15.05 -24.67
O1 SO4 C . -2.76 15.57 -24.22
O2 SO4 C . -0.45 15.27 -23.61
O3 SO4 C . -1.03 15.75 -25.90
O4 SO4 C . -1.60 13.62 -24.98
#